data_8H1N
#
_entry.id   8H1N
#
_cell.length_a   111.839
_cell.length_b   111.839
_cell.length_c   113.384
_cell.angle_alpha   90.000
_cell.angle_beta   90.000
_cell.angle_gamma   90.000
#
_symmetry.space_group_name_H-M   'P 43 21 2'
#
loop_
_entity.id
_entity.type
_entity.pdbx_description
1 polymer 'N-acylglucosamine 2-epimerase'
2 non-polymer sorbitol
3 non-polymer 'FORMIC ACID'
4 water water
#
_entity_poly.entity_id   1
_entity_poly.type   'polypeptide(L)'
_entity_poly.pdbx_seq_one_letter_code
;MTSEKIASLRQEIETYLNTGLLPFWITRTVDKENGGFLTHFDQFGNDSGEDEKSLIAQSRSVFTYSSAHRAGYGGGVLAE
MARHGVDYLINNMWDNEHGGFYWMTNRKGEVTIDQKIVYGLSFCIYSLSEYTLATGDPRGREYAEKTFDLLQKYAVDTHY
GGYFEMFNRDWTLKGPGAAGGDRKTLDVHMHLMEAYTTLYECTGQEIHRRKLLETIELLVNKVMHPEYGTGIPQFWADWS
VAPQIKFDIVWGWARFNPDGLKSAAEDNTSYGHNSEFAWLLMHALDILGLPYDTYREQITKSYTHAVENGVDWEFGGVYV
EGSHAGQVYDKEKEFWQQAEMLIGMLDAYRFLKDEKYLQAYENIHRFVFDKMINHSLGEWWPLMTREGVPIWKHMSHSWK
INYHDVRSMIQSIVRLDKIAKGV
;
_entity_poly.pdbx_strand_id   A
#
loop_
_chem_comp.id
_chem_comp.type
_chem_comp.name
_chem_comp.formula
FMT non-polymer 'FORMIC ACID' 'C H2 O2'
SOR D-saccharide sorbitol 'C6 H14 O6'
#
# COMPACT_ATOMS: atom_id res chain seq x y z
N THR A 2 27.35 -8.67 -4.46
CA THR A 2 27.98 -9.06 -5.72
C THR A 2 27.15 -8.56 -6.91
N SER A 3 27.80 -7.91 -7.87
CA SER A 3 27.11 -7.44 -9.06
C SER A 3 26.50 -8.60 -9.84
N GLU A 4 27.15 -9.76 -9.84
CA GLU A 4 26.55 -10.93 -10.47
C GLU A 4 25.31 -11.38 -9.71
N LYS A 5 25.31 -11.27 -8.39
CA LYS A 5 24.14 -11.62 -7.60
C LYS A 5 23.03 -10.59 -7.78
N ILE A 6 23.39 -9.30 -7.81
CA ILE A 6 22.39 -8.26 -8.05
C ILE A 6 21.76 -8.41 -9.42
N ALA A 7 22.59 -8.66 -10.44
CA ALA A 7 22.07 -8.84 -11.79
C ALA A 7 21.16 -10.05 -11.88
N SER A 8 21.52 -11.14 -11.17
CA SER A 8 20.67 -12.32 -11.17
C SER A 8 19.30 -12.00 -10.57
N LEU A 9 19.28 -11.25 -9.48
CA LEU A 9 18.02 -10.89 -8.83
C LEU A 9 17.19 -9.97 -9.71
N ARG A 10 17.81 -8.95 -10.31
CA ARG A 10 17.09 -8.02 -11.17
C ARG A 10 16.45 -8.73 -12.35
N GLN A 11 17.19 -9.66 -12.96
CA GLN A 11 16.66 -10.38 -14.12
C GLN A 11 15.52 -11.31 -13.73
N GLU A 12 15.61 -11.96 -12.57
CA GLU A 12 14.50 -12.76 -12.06
C GLU A 12 13.23 -11.92 -11.94
N ILE A 13 13.36 -10.69 -11.44
CA ILE A 13 12.20 -9.81 -11.34
C ILE A 13 11.73 -9.37 -12.72
N GLU A 14 12.68 -9.01 -13.60
CA GLU A 14 12.33 -8.44 -14.89
C GLU A 14 11.57 -9.45 -15.75
N THR A 15 12.08 -10.68 -15.83
CA THR A 15 11.37 -11.71 -16.58
C THR A 15 10.00 -11.98 -15.98
N TYR A 16 9.93 -12.09 -14.66
CA TYR A 16 8.66 -12.41 -14.02
C TYR A 16 7.67 -11.26 -14.17
N LEU A 17 8.15 -10.01 -14.07
CA LEU A 17 7.26 -8.88 -14.20
C LEU A 17 6.72 -8.73 -15.62
N ASN A 18 7.55 -9.06 -16.62
CA ASN A 18 7.14 -8.86 -18.01
C ASN A 18 6.34 -10.04 -18.54
N THR A 19 6.66 -11.27 -18.14
CA THR A 19 6.04 -12.45 -18.72
C THR A 19 4.97 -13.09 -17.84
N GLY A 20 4.94 -12.77 -16.55
CA GLY A 20 4.03 -13.43 -15.64
C GLY A 20 3.04 -12.53 -14.94
N LEU A 21 3.53 -11.57 -14.15
CA LEU A 21 2.65 -10.77 -13.29
C LEU A 21 1.77 -9.83 -14.12
N LEU A 22 2.40 -8.91 -14.85
CA LEU A 22 1.63 -7.99 -15.68
C LEU A 22 0.74 -8.69 -16.70
N PRO A 23 1.20 -9.72 -17.43
CA PRO A 23 0.28 -10.43 -18.34
C PRO A 23 -0.92 -11.04 -17.64
N PHE A 24 -0.78 -11.48 -16.39
CA PHE A 24 -1.92 -12.01 -15.66
C PHE A 24 -3.06 -11.01 -15.62
N TRP A 25 -2.72 -9.72 -15.47
CA TRP A 25 -3.73 -8.67 -15.33
C TRP A 25 -4.16 -8.10 -16.67
N ILE A 26 -3.22 -7.91 -17.59
CA ILE A 26 -3.56 -7.33 -18.89
C ILE A 26 -4.57 -8.20 -19.61
N THR A 27 -4.42 -9.52 -19.53
CA THR A 27 -5.33 -10.43 -20.21
C THR A 27 -6.64 -10.65 -19.48
N ARG A 28 -6.85 -10.02 -18.32
CA ARG A 28 -8.00 -10.38 -17.50
C ARG A 28 -8.86 -9.20 -17.06
N THR A 29 -8.25 -8.04 -16.79
CA THR A 29 -8.88 -7.07 -15.90
C THR A 29 -9.75 -6.03 -16.61
N VAL A 30 -9.47 -5.68 -17.86
CA VAL A 30 -10.20 -4.61 -18.51
C VAL A 30 -11.62 -5.07 -18.80
N ASP A 31 -12.59 -4.36 -18.24
CA ASP A 31 -14.02 -4.66 -18.44
C ASP A 31 -14.58 -3.64 -19.43
N LYS A 32 -14.73 -4.06 -20.68
CA LYS A 32 -15.24 -3.17 -21.72
C LYS A 32 -16.76 -3.04 -21.68
N GLU A 33 -17.46 -3.99 -21.08
CA GLU A 33 -18.93 -3.93 -21.04
C GLU A 33 -19.41 -2.89 -20.03
N ASN A 34 -18.97 -2.99 -18.78
CA ASN A 34 -19.41 -2.09 -17.73
C ASN A 34 -18.41 -1.02 -17.38
N GLY A 35 -17.18 -1.11 -17.87
CA GLY A 35 -16.13 -0.20 -17.47
C GLY A 35 -15.46 -0.63 -16.19
N GLY A 36 -14.34 0.02 -15.88
CA GLY A 36 -13.61 -0.36 -14.70
C GLY A 36 -12.84 -1.66 -14.89
N PHE A 37 -12.42 -2.24 -13.78
CA PHE A 37 -11.55 -3.39 -13.78
C PHE A 37 -12.19 -4.58 -13.08
N LEU A 38 -11.82 -5.77 -13.53
CA LEU A 38 -12.16 -7.01 -12.87
C LEU A 38 -10.95 -7.50 -12.08
N THR A 39 -11.17 -7.79 -10.80
CA THR A 39 -10.07 -8.10 -9.89
C THR A 39 -10.31 -9.35 -9.05
N HIS A 40 -11.35 -10.12 -9.35
CA HIS A 40 -11.74 -11.26 -8.52
C HIS A 40 -11.38 -12.55 -9.25
N PHE A 41 -10.28 -13.19 -8.85
CA PHE A 41 -9.81 -14.38 -9.53
C PHE A 41 -9.39 -15.42 -8.50
N ASP A 42 -9.81 -16.68 -8.73
CA ASP A 42 -9.54 -17.77 -7.82
C ASP A 42 -8.14 -18.34 -8.09
N GLN A 43 -7.84 -19.47 -7.46
CA GLN A 43 -6.52 -20.10 -7.59
C GLN A 43 -6.23 -20.63 -9.00
N PHE A 44 -7.20 -20.58 -9.90
CA PHE A 44 -7.00 -20.98 -11.29
C PHE A 44 -7.13 -19.80 -12.24
N GLY A 45 -6.97 -18.58 -11.72
CA GLY A 45 -7.09 -17.39 -12.55
C GLY A 45 -8.47 -17.16 -13.13
N ASN A 46 -9.48 -17.83 -12.60
CA ASN A 46 -10.85 -17.69 -13.10
C ASN A 46 -11.65 -16.78 -12.17
N ASP A 47 -12.68 -16.18 -12.73
CA ASP A 47 -13.52 -15.25 -11.98
C ASP A 47 -14.12 -15.93 -10.75
N SER A 48 -14.10 -15.22 -9.62
CA SER A 48 -14.81 -15.63 -8.42
C SER A 48 -16.24 -15.12 -8.38
N GLY A 49 -16.55 -14.12 -9.20
CA GLY A 49 -17.90 -13.66 -9.39
C GLY A 49 -18.39 -12.62 -8.41
N GLU A 50 -17.51 -12.04 -7.60
CA GLU A 50 -17.95 -11.02 -6.66
C GLU A 50 -18.52 -9.82 -7.40
N ASP A 51 -19.71 -9.39 -6.99
CA ASP A 51 -20.39 -8.28 -7.63
C ASP A 51 -19.88 -6.95 -7.07
N GLU A 52 -18.56 -6.78 -7.04
CA GLU A 52 -17.94 -5.62 -6.39
C GLU A 52 -16.90 -5.01 -7.31
N LYS A 53 -16.85 -3.68 -7.30
CA LYS A 53 -15.73 -2.92 -7.84
C LYS A 53 -15.39 -1.86 -6.79
N SER A 54 -14.56 -2.27 -5.83
CA SER A 54 -14.23 -1.40 -4.70
C SER A 54 -13.38 -0.22 -5.17
N LEU A 55 -13.55 0.91 -4.47
CA LEU A 55 -12.70 2.06 -4.73
C LEU A 55 -11.23 1.70 -4.59
N ILE A 56 -10.91 0.83 -3.63
CA ILE A 56 -9.54 0.37 -3.46
C ILE A 56 -9.09 -0.42 -4.68
N ALA A 57 -9.97 -1.28 -5.20
CA ALA A 57 -9.62 -2.09 -6.36
C ALA A 57 -9.40 -1.22 -7.60
N GLN A 58 -10.36 -0.35 -7.90
CA GLN A 58 -10.27 0.46 -9.11
C GLN A 58 -9.14 1.48 -9.04
N SER A 59 -8.94 2.08 -7.86
CA SER A 59 -7.90 3.11 -7.74
C SER A 59 -6.51 2.49 -7.75
N ARG A 60 -6.31 1.39 -7.02
CA ARG A 60 -5.01 0.74 -7.03
C ARG A 60 -4.64 0.28 -8.44
N SER A 61 -5.61 -0.27 -9.17
CA SER A 61 -5.38 -0.65 -10.56
C SER A 61 -4.96 0.57 -11.38
N VAL A 62 -5.65 1.70 -11.21
CA VAL A 62 -5.24 2.93 -11.87
C VAL A 62 -3.81 3.28 -11.51
N PHE A 63 -3.45 3.14 -10.23
CA PHE A 63 -2.07 3.46 -9.85
C PHE A 63 -1.09 2.48 -10.48
N THR A 64 -1.35 1.18 -10.36
CA THR A 64 -0.43 0.18 -10.89
C THR A 64 -0.14 0.43 -12.37
N TYR A 65 -1.21 0.58 -13.17
CA TYR A 65 -1.01 0.73 -14.60
C TYR A 65 -0.41 2.09 -14.95
N SER A 66 -0.73 3.14 -14.18
CA SER A 66 -0.08 4.42 -14.39
C SER A 66 1.39 4.35 -14.04
N SER A 67 1.73 3.78 -12.88
CA SER A 67 3.12 3.76 -12.43
C SER A 67 3.96 2.82 -13.27
N ALA A 68 3.42 1.65 -13.63
CA ALA A 68 4.18 0.71 -14.45
C ALA A 68 4.42 1.25 -15.85
N HIS A 69 3.41 1.88 -16.45
CA HIS A 69 3.62 2.52 -17.74
C HIS A 69 4.66 3.63 -17.64
N ARG A 70 4.55 4.47 -16.60
CA ARG A 70 5.53 5.52 -16.39
C ARG A 70 6.94 4.95 -16.20
N ALA A 71 7.04 3.78 -15.58
CA ALA A 71 8.33 3.11 -15.42
C ALA A 71 8.80 2.41 -16.68
N GLY A 72 7.92 2.23 -17.67
CA GLY A 72 8.30 1.62 -18.93
C GLY A 72 7.92 0.16 -19.06
N TYR A 73 6.79 -0.23 -18.48
CA TYR A 73 6.36 -1.61 -18.46
C TYR A 73 4.99 -1.75 -19.07
N GLY A 74 4.61 -3.01 -19.32
CA GLY A 74 3.32 -3.33 -19.88
C GLY A 74 3.22 -3.22 -21.38
N GLY A 75 4.35 -3.09 -22.08
CA GLY A 75 4.30 -3.02 -23.54
C GLY A 75 3.55 -1.81 -24.06
N GLY A 76 3.54 -0.71 -23.30
CA GLY A 76 2.90 0.51 -23.74
C GLY A 76 1.39 0.55 -23.63
N VAL A 77 0.74 -0.56 -23.29
CA VAL A 77 -0.71 -0.60 -23.23
C VAL A 77 -1.28 -0.18 -21.88
N LEU A 78 -0.43 0.03 -20.88
CA LEU A 78 -0.93 0.25 -19.53
C LEU A 78 -1.51 1.65 -19.34
N ALA A 79 -0.98 2.65 -20.05
CA ALA A 79 -1.51 4.01 -19.92
C ALA A 79 -2.97 4.08 -20.31
N GLU A 80 -3.34 3.46 -21.43
CA GLU A 80 -4.75 3.47 -21.83
C GLU A 80 -5.60 2.63 -20.90
N MET A 81 -5.01 1.60 -20.28
CA MET A 81 -5.72 0.87 -19.23
C MET A 81 -6.00 1.76 -18.02
N ALA A 82 -5.02 2.58 -17.65
CA ALA A 82 -5.24 3.52 -16.55
C ALA A 82 -6.37 4.48 -16.86
N ARG A 83 -6.38 5.04 -18.08
CA ARG A 83 -7.44 5.96 -18.47
C ARG A 83 -8.81 5.28 -18.42
N HIS A 84 -8.87 4.01 -18.83
CA HIS A 84 -10.12 3.26 -18.73
C HIS A 84 -10.62 3.22 -17.29
N GLY A 85 -9.71 3.12 -16.33
CA GLY A 85 -10.08 3.09 -14.93
C GLY A 85 -10.41 4.47 -14.39
N VAL A 86 -9.64 5.48 -14.83
CA VAL A 86 -9.94 6.86 -14.45
C VAL A 86 -11.31 7.26 -14.98
N ASP A 87 -11.63 6.81 -16.20
CA ASP A 87 -12.99 6.98 -16.72
C ASP A 87 -14.02 6.39 -15.77
N TYR A 88 -13.76 5.18 -15.28
CA TYR A 88 -14.71 4.53 -14.38
C TYR A 88 -14.80 5.27 -13.05
N LEU A 89 -13.67 5.73 -12.52
CA LEU A 89 -13.66 6.42 -11.23
C LEU A 89 -14.53 7.68 -11.27
N ILE A 90 -14.30 8.53 -12.27
CA ILE A 90 -15.03 9.79 -12.34
C ILE A 90 -16.50 9.56 -12.69
N ASN A 91 -16.76 8.69 -13.67
CA ASN A 91 -18.13 8.49 -14.14
C ASN A 91 -18.98 7.71 -13.17
N ASN A 92 -18.40 6.74 -12.46
CA ASN A 92 -19.19 5.84 -11.62
C ASN A 92 -18.93 6.00 -10.14
N MET A 93 -17.73 6.42 -9.73
CA MET A 93 -17.37 6.45 -8.33
C MET A 93 -17.29 7.85 -7.72
N TRP A 94 -17.38 8.90 -8.52
CA TRP A 94 -17.30 10.27 -8.01
C TRP A 94 -18.67 10.79 -7.63
N ASP A 95 -18.77 11.41 -6.44
CA ASP A 95 -20.00 12.01 -5.95
C ASP A 95 -20.13 13.42 -6.51
N ASN A 96 -21.10 13.63 -7.40
CA ASN A 96 -21.24 14.91 -8.08
C ASN A 96 -22.01 15.94 -7.27
N GLU A 97 -22.64 15.54 -6.16
CA GLU A 97 -23.32 16.48 -5.28
C GLU A 97 -22.50 16.85 -4.06
N HIS A 98 -21.83 15.86 -3.44
CA HIS A 98 -21.09 16.09 -2.21
C HIS A 98 -19.58 16.02 -2.38
N GLY A 99 -19.08 15.49 -3.48
CA GLY A 99 -17.66 15.38 -3.68
C GLY A 99 -17.08 14.13 -3.04
N GLY A 100 -15.86 13.80 -3.46
CA GLY A 100 -15.20 12.61 -3.01
C GLY A 100 -15.66 11.38 -3.76
N PHE A 101 -14.85 10.33 -3.67
CA PHE A 101 -15.15 9.08 -4.35
C PHE A 101 -15.88 8.12 -3.43
N TYR A 102 -16.88 7.42 -3.98
CA TYR A 102 -17.64 6.44 -3.22
C TYR A 102 -16.76 5.23 -2.90
N TRP A 103 -17.17 4.49 -1.86
CA TRP A 103 -16.36 3.38 -1.38
C TRP A 103 -16.50 2.13 -2.23
N MET A 104 -17.72 1.82 -2.68
CA MET A 104 -17.99 0.54 -3.33
C MET A 104 -18.98 0.71 -4.48
N THR A 105 -18.68 0.07 -5.62
CA THR A 105 -19.65 -0.10 -6.70
C THR A 105 -19.77 -1.58 -7.04
N ASN A 106 -20.89 -1.94 -7.64
CA ASN A 106 -21.08 -3.30 -8.12
C ASN A 106 -20.44 -3.45 -9.50
N ARG A 107 -20.68 -4.59 -10.15
CA ARG A 107 -19.97 -4.89 -11.39
C ARG A 107 -20.39 -3.94 -12.50
N LYS A 108 -21.66 -3.55 -12.54
CA LYS A 108 -22.17 -2.75 -13.65
C LYS A 108 -22.06 -1.25 -13.39
N GLY A 109 -21.43 -0.84 -12.29
CA GLY A 109 -21.13 0.56 -12.05
C GLY A 109 -22.02 1.27 -11.07
N GLU A 110 -23.03 0.60 -10.51
CA GLU A 110 -23.92 1.24 -9.55
C GLU A 110 -23.25 1.35 -8.19
N VAL A 111 -23.44 2.50 -7.54
CA VAL A 111 -22.85 2.73 -6.23
C VAL A 111 -23.58 1.89 -5.20
N THR A 112 -22.83 1.13 -4.41
CA THR A 112 -23.39 0.26 -3.39
C THR A 112 -22.99 0.64 -1.96
N ILE A 113 -21.89 1.36 -1.78
CA ILE A 113 -21.50 1.93 -0.49
C ILE A 113 -21.05 3.35 -0.77
N ASP A 114 -21.89 4.33 -0.41
CA ASP A 114 -21.64 5.72 -0.74
C ASP A 114 -20.78 6.45 0.28
N GLN A 115 -20.26 5.74 1.28
CA GLN A 115 -19.46 6.38 2.31
C GLN A 115 -18.18 6.95 1.72
N LYS A 116 -17.66 7.97 2.38
CA LYS A 116 -16.40 8.62 1.99
C LYS A 116 -15.35 8.18 2.99
N ILE A 117 -14.57 7.17 2.63
CA ILE A 117 -13.56 6.58 3.50
C ILE A 117 -12.22 7.17 3.14
N VAL A 118 -11.56 7.79 4.13
CA VAL A 118 -10.31 8.49 3.87
C VAL A 118 -9.24 7.50 3.40
N TYR A 119 -9.32 6.24 3.83
CA TYR A 119 -8.37 5.24 3.36
C TYR A 119 -8.47 5.07 1.85
N GLY A 120 -9.69 4.99 1.32
CA GLY A 120 -9.85 4.89 -0.12
C GLY A 120 -9.54 6.20 -0.83
N LEU A 121 -9.92 7.33 -0.20
CA LEU A 121 -9.66 8.63 -0.81
C LEU A 121 -8.16 8.92 -0.89
N SER A 122 -7.38 8.40 0.06
CA SER A 122 -5.93 8.50 -0.04
C SER A 122 -5.44 7.82 -1.31
N PHE A 123 -5.94 6.62 -1.58
CA PHE A 123 -5.55 5.91 -2.79
C PHE A 123 -6.06 6.59 -4.05
N CYS A 124 -7.18 7.31 -3.95
CA CYS A 124 -7.61 8.14 -5.07
C CYS A 124 -6.60 9.25 -5.34
N ILE A 125 -6.20 9.98 -4.29
CA ILE A 125 -5.16 10.99 -4.45
C ILE A 125 -3.87 10.37 -4.98
N TYR A 126 -3.50 9.22 -4.42
CA TYR A 126 -2.30 8.52 -4.88
C TYR A 126 -2.40 8.15 -6.37
N SER A 127 -3.46 7.45 -6.74
CA SER A 127 -3.55 6.91 -8.10
C SER A 127 -3.80 8.00 -9.13
N LEU A 128 -4.63 8.99 -8.80
CA LEU A 128 -4.94 10.04 -9.78
C LEU A 128 -3.75 10.97 -9.99
N SER A 129 -2.98 11.25 -8.93
CA SER A 129 -1.74 11.99 -9.11
C SER A 129 -0.76 11.21 -9.97
N GLU A 130 -0.59 9.91 -9.67
CA GLU A 130 0.28 9.07 -10.48
C GLU A 130 -0.23 8.99 -11.92
N TYR A 131 -1.55 8.93 -12.08
CA TYR A 131 -2.14 8.85 -13.42
C TYR A 131 -1.80 10.06 -14.27
N THR A 132 -1.91 11.26 -13.69
CA THR A 132 -1.56 12.46 -14.43
C THR A 132 -0.07 12.50 -14.72
N LEU A 133 0.75 12.04 -13.78
CA LEU A 133 2.19 12.00 -14.01
C LEU A 133 2.56 11.07 -15.15
N ALA A 134 1.77 10.03 -15.38
CA ALA A 134 2.08 9.04 -16.40
C ALA A 134 1.49 9.37 -17.77
N THR A 135 0.31 9.98 -17.79
CA THR A 135 -0.42 10.20 -19.04
C THR A 135 -0.51 11.66 -19.47
N GLY A 136 -0.41 12.60 -18.53
CA GLY A 136 -0.64 13.99 -18.84
C GLY A 136 -2.09 14.40 -18.78
N ASP A 137 -3.01 13.46 -18.66
CA ASP A 137 -4.41 13.79 -18.49
C ASP A 137 -4.59 14.62 -17.22
N PRO A 138 -5.04 15.87 -17.33
CA PRO A 138 -5.22 16.69 -16.13
C PRO A 138 -6.37 16.23 -15.24
N ARG A 139 -7.18 15.27 -15.68
CA ARG A 139 -8.30 14.81 -14.87
C ARG A 139 -7.83 14.19 -13.57
N GLY A 140 -6.72 13.45 -13.61
CA GLY A 140 -6.18 12.86 -12.41
C GLY A 140 -5.83 13.92 -11.39
N ARG A 141 -4.98 14.87 -11.79
CA ARG A 141 -4.57 15.93 -10.88
C ARG A 141 -5.78 16.72 -10.38
N GLU A 142 -6.72 17.03 -11.27
CA GLU A 142 -7.91 17.77 -10.89
C GLU A 142 -8.66 17.06 -9.78
N TYR A 143 -9.05 15.81 -10.01
CA TYR A 143 -9.83 15.09 -9.01
C TYR A 143 -8.98 14.71 -7.80
N ALA A 144 -7.67 14.56 -7.98
CA ALA A 144 -6.80 14.34 -6.83
C ALA A 144 -6.73 15.59 -5.96
N GLU A 145 -6.63 16.77 -6.59
CA GLU A 145 -6.67 18.02 -5.83
C GLU A 145 -8.03 18.23 -5.19
N LYS A 146 -9.11 17.94 -5.93
CA LYS A 146 -10.45 18.01 -5.36
C LYS A 146 -10.56 17.13 -4.13
N THR A 147 -10.03 15.90 -4.18
CA THR A 147 -10.09 15.01 -3.04
C THR A 147 -9.23 15.53 -1.89
N PHE A 148 -8.05 16.06 -2.19
CA PHE A 148 -7.21 16.64 -1.14
C PHE A 148 -7.94 17.77 -0.43
N ASP A 149 -8.54 18.68 -1.21
CA ASP A 149 -9.23 19.82 -0.61
C ASP A 149 -10.37 19.37 0.27
N LEU A 150 -11.15 18.37 -0.17
CA LEU A 150 -12.22 17.84 0.66
C LEU A 150 -11.70 17.20 1.94
N LEU A 151 -10.50 16.60 1.89
CA LEU A 151 -9.92 16.04 3.10
C LEU A 151 -9.54 17.13 4.08
N GLN A 152 -8.95 18.22 3.59
CA GLN A 152 -8.65 19.35 4.46
C GLN A 152 -9.93 19.92 5.08
N LYS A 153 -10.98 20.07 4.29
CA LYS A 153 -12.22 20.65 4.80
C LYS A 153 -12.87 19.76 5.83
N TYR A 154 -13.08 18.49 5.49
CA TYR A 154 -13.91 17.62 6.30
C TYR A 154 -13.13 16.71 7.25
N ALA A 155 -11.94 16.26 6.85
CA ALA A 155 -11.24 15.23 7.61
C ALA A 155 -10.23 15.77 8.60
N VAL A 156 -9.62 16.92 8.34
CA VAL A 156 -8.54 17.40 9.19
C VAL A 156 -9.09 17.84 10.54
N ASP A 157 -8.51 17.31 11.61
CA ASP A 157 -8.77 17.75 12.97
C ASP A 157 -7.90 18.98 13.22
N THR A 158 -8.52 20.17 13.25
CA THR A 158 -7.75 21.39 13.43
C THR A 158 -7.26 21.60 14.86
N HIS A 159 -7.70 20.77 15.81
CA HIS A 159 -7.20 20.89 17.18
C HIS A 159 -6.05 19.93 17.43
N TYR A 160 -6.32 18.62 17.42
CA TYR A 160 -5.30 17.62 17.69
C TYR A 160 -4.41 17.33 16.50
N GLY A 161 -4.79 17.75 15.30
CA GLY A 161 -4.05 17.36 14.11
C GLY A 161 -4.50 16.02 13.57
N GLY A 162 -3.92 15.66 12.43
CA GLY A 162 -4.28 14.42 11.79
C GLY A 162 -5.67 14.48 11.17
N TYR A 163 -6.18 13.29 10.86
CA TYR A 163 -7.40 13.16 10.06
C TYR A 163 -8.38 12.24 10.75
N PHE A 164 -9.65 12.65 10.76
CA PHE A 164 -10.74 11.72 10.93
C PHE A 164 -10.93 10.97 9.62
N GLU A 165 -11.28 9.69 9.72
CA GLU A 165 -11.01 8.76 8.62
C GLU A 165 -12.22 8.14 7.96
N MET A 166 -13.43 8.28 8.50
CA MET A 166 -14.60 7.64 7.93
C MET A 166 -15.79 8.59 8.02
N PHE A 167 -16.44 8.83 6.88
CA PHE A 167 -17.53 9.78 6.78
C PHE A 167 -18.67 9.17 5.98
N ASN A 168 -19.87 9.67 6.25
CA ASN A 168 -21.03 9.34 5.43
C ASN A 168 -20.89 10.00 4.07
N ARG A 169 -21.85 9.72 3.19
CA ARG A 169 -21.78 10.27 1.84
C ARG A 169 -21.83 11.79 1.86
N ASP A 170 -22.63 12.37 2.76
CA ASP A 170 -22.75 13.82 2.88
C ASP A 170 -21.60 14.45 3.65
N TRP A 171 -20.54 13.69 3.92
CA TRP A 171 -19.31 14.14 4.57
C TRP A 171 -19.47 14.42 6.04
N THR A 172 -20.59 14.03 6.65
CA THR A 172 -20.72 14.12 8.09
C THR A 172 -19.93 13.00 8.75
N LEU A 173 -19.30 13.33 9.87
CA LEU A 173 -18.47 12.36 10.58
C LEU A 173 -19.29 11.15 10.99
N LYS A 174 -18.69 9.96 10.85
CA LYS A 174 -19.37 8.74 11.23
C LYS A 174 -19.37 8.57 12.75
N GLY A 175 -20.10 7.57 13.21
CA GLY A 175 -20.23 7.30 14.63
C GLY A 175 -18.94 6.77 15.23
N PRO A 176 -18.93 6.62 16.55
CA PRO A 176 -17.74 6.11 17.23
C PRO A 176 -17.62 4.61 17.09
N GLY A 177 -16.39 4.13 17.27
CA GLY A 177 -16.15 2.70 17.28
C GLY A 177 -16.04 2.13 15.88
N ALA A 178 -16.71 0.99 15.65
CA ALA A 178 -16.61 0.31 14.37
C ALA A 178 -17.06 1.18 13.21
N ALA A 179 -17.90 2.20 13.47
CA ALA A 179 -18.26 3.13 12.41
C ALA A 179 -17.06 3.91 11.90
N GLY A 180 -16.01 4.03 12.70
CA GLY A 180 -14.76 4.62 12.27
C GLY A 180 -14.62 6.11 12.46
N GLY A 181 -15.52 6.74 13.21
CA GLY A 181 -15.50 8.18 13.36
C GLY A 181 -14.71 8.74 14.52
N ASP A 182 -14.12 7.90 15.36
CA ASP A 182 -13.43 8.41 16.55
C ASP A 182 -12.01 7.86 16.68
N ARG A 183 -11.42 7.34 15.60
CA ARG A 183 -10.08 6.78 15.65
C ARG A 183 -9.22 7.37 14.54
N LYS A 184 -7.96 7.62 14.86
CA LYS A 184 -6.94 7.97 13.87
C LYS A 184 -5.95 6.81 13.80
N THR A 185 -5.69 6.33 12.59
CA THR A 185 -5.01 5.06 12.41
C THR A 185 -3.72 5.22 11.61
N LEU A 186 -2.76 4.34 11.90
CA LEU A 186 -1.54 4.27 11.10
C LEU A 186 -1.86 3.95 9.65
N ASP A 187 -2.86 3.11 9.42
CA ASP A 187 -3.22 2.69 8.06
C ASP A 187 -3.48 3.90 7.16
N VAL A 188 -4.35 4.81 7.61
CA VAL A 188 -4.72 5.96 6.79
C VAL A 188 -3.60 6.98 6.74
N HIS A 189 -3.03 7.33 7.89
CA HIS A 189 -2.06 8.41 7.93
C HIS A 189 -0.77 8.06 7.20
N MET A 190 -0.38 6.77 7.20
CA MET A 190 0.80 6.36 6.44
C MET A 190 0.58 6.53 4.94
N HIS A 191 -0.61 6.18 4.45
CA HIS A 191 -0.85 6.20 3.02
C HIS A 191 -1.14 7.60 2.51
N LEU A 192 -1.68 8.48 3.36
CA LEU A 192 -1.79 9.88 2.97
C LEU A 192 -0.40 10.46 2.70
N MET A 193 0.57 10.12 3.55
CA MET A 193 1.96 10.49 3.26
C MET A 193 2.39 9.93 1.92
N GLU A 194 2.04 8.69 1.64
CA GLU A 194 2.28 8.11 0.33
C GLU A 194 1.48 8.83 -0.75
N ALA A 195 0.24 9.22 -0.44
CA ALA A 195 -0.60 9.91 -1.43
C ALA A 195 -0.12 11.33 -1.67
N TYR A 196 0.17 12.07 -0.59
CA TYR A 196 0.62 13.45 -0.73
C TYR A 196 1.98 13.56 -1.40
N THR A 197 2.79 12.50 -1.34
CA THR A 197 4.07 12.49 -2.02
C THR A 197 3.88 12.55 -3.53
N THR A 198 3.03 11.68 -4.07
CA THR A 198 2.73 11.72 -5.50
C THR A 198 1.92 12.96 -5.86
N LEU A 199 1.03 13.40 -4.97
CA LEU A 199 0.28 14.62 -5.21
C LEU A 199 1.23 15.81 -5.37
N TYR A 200 2.17 15.98 -4.44
CA TYR A 200 3.12 17.08 -4.54
C TYR A 200 4.03 16.91 -5.74
N GLU A 201 4.43 15.67 -6.04
CA GLU A 201 5.24 15.43 -7.23
C GLU A 201 4.51 15.86 -8.49
N CYS A 202 3.18 15.72 -8.50
CA CYS A 202 2.41 16.07 -9.68
C CYS A 202 2.15 17.57 -9.76
N THR A 203 1.65 18.18 -8.68
CA THR A 203 1.23 19.57 -8.71
C THR A 203 2.37 20.54 -8.42
N GLY A 204 3.25 20.20 -7.49
CA GLY A 204 4.34 21.08 -7.15
C GLY A 204 3.96 22.29 -6.32
N GLN A 205 2.76 22.33 -5.74
CA GLN A 205 2.35 23.49 -4.97
C GLN A 205 3.05 23.50 -3.61
N GLU A 206 3.20 24.71 -3.06
CA GLU A 206 3.71 24.85 -1.69
C GLU A 206 2.79 24.17 -0.69
N ILE A 207 1.48 24.22 -0.93
CA ILE A 207 0.54 23.65 0.04
C ILE A 207 0.71 22.13 0.12
N HIS A 208 0.95 21.48 -1.02
CA HIS A 208 1.09 20.03 -1.00
C HIS A 208 2.43 19.62 -0.40
N ARG A 209 3.47 20.44 -0.57
CA ARG A 209 4.74 20.16 0.09
C ARG A 209 4.62 20.36 1.60
N ARG A 210 3.91 21.41 2.03
CA ARG A 210 3.81 21.68 3.46
C ARG A 210 2.95 20.63 4.16
N LYS A 211 1.86 20.19 3.52
CA LYS A 211 1.00 19.21 4.14
C LYS A 211 1.61 17.81 4.10
N LEU A 212 2.44 17.53 3.09
CA LEU A 212 3.17 16.28 3.09
C LEU A 212 4.13 16.22 4.27
N LEU A 213 4.84 17.33 4.53
CA LEU A 213 5.72 17.39 5.68
C LEU A 213 4.93 17.27 6.98
N GLU A 214 3.77 17.92 7.05
CA GLU A 214 2.94 17.80 8.24
C GLU A 214 2.49 16.35 8.44
N THR A 215 2.24 15.63 7.35
CA THR A 215 1.87 14.22 7.46
C THR A 215 3.04 13.39 7.97
N ILE A 216 4.24 13.64 7.45
CA ILE A 216 5.42 12.95 7.94
C ILE A 216 5.63 13.24 9.42
N GLU A 217 5.46 14.50 9.82
CA GLU A 217 5.62 14.87 11.23
C GLU A 217 4.63 14.11 12.11
N LEU A 218 3.38 13.99 11.66
CA LEU A 218 2.39 13.27 12.45
C LEU A 218 2.82 11.83 12.67
N LEU A 219 3.26 11.16 11.59
CA LEU A 219 3.65 9.77 11.70
C LEU A 219 4.84 9.59 12.64
N VAL A 220 5.83 10.47 12.53
CA VAL A 220 7.04 10.32 13.33
C VAL A 220 6.76 10.64 14.79
N ASN A 221 5.96 11.67 15.05
CA ASN A 221 5.80 12.21 16.39
C ASN A 221 4.59 11.67 17.14
N LYS A 222 3.62 11.09 16.45
CA LYS A 222 2.39 10.68 17.12
C LYS A 222 2.03 9.22 16.83
N VAL A 223 2.36 8.74 15.65
CA VAL A 223 1.95 7.40 15.23
C VAL A 223 2.96 6.34 15.64
N MET A 224 4.24 6.58 15.35
CA MET A 224 5.25 5.59 15.69
C MET A 224 5.46 5.55 17.20
N HIS A 225 5.96 4.41 17.66
CA HIS A 225 6.22 4.23 19.08
C HIS A 225 7.25 5.26 19.54
N PRO A 226 6.99 5.96 20.66
CA PRO A 226 7.93 7.01 21.08
C PRO A 226 9.30 6.48 21.46
N GLU A 227 9.42 5.19 21.78
CA GLU A 227 10.70 4.57 22.08
C GLU A 227 11.19 3.71 20.94
N TYR A 228 10.41 2.72 20.52
CA TYR A 228 10.86 1.78 19.51
C TYR A 228 10.71 2.30 18.09
N GLY A 229 9.87 3.32 17.88
CA GLY A 229 9.67 3.86 16.55
C GLY A 229 8.84 3.00 15.64
N THR A 230 8.24 1.94 16.16
CA THR A 230 7.41 1.03 15.38
C THR A 230 5.98 1.56 15.29
N GLY A 231 5.29 1.15 14.23
CA GLY A 231 3.95 1.67 13.99
C GLY A 231 2.95 1.13 14.99
N ILE A 232 2.19 2.02 15.60
CA ILE A 232 1.05 1.67 16.44
C ILE A 232 -0.22 1.84 15.62
N PRO A 233 -1.09 0.82 15.54
CA PRO A 233 -2.15 0.85 14.53
C PRO A 233 -3.23 1.90 14.76
N GLN A 234 -3.70 2.10 15.99
CA GLN A 234 -4.89 2.92 16.21
C GLN A 234 -4.69 3.89 17.37
N PHE A 235 -5.30 5.08 17.23
CA PHE A 235 -5.25 6.11 18.26
C PHE A 235 -6.63 6.76 18.39
N TRP A 236 -6.86 7.32 19.57
CA TRP A 236 -7.99 8.23 19.73
C TRP A 236 -7.69 9.55 19.02
N ALA A 237 -8.71 10.41 18.95
CA ALA A 237 -8.52 11.70 18.29
C ALA A 237 -7.42 12.51 18.98
N ASP A 238 -7.31 12.40 20.30
CA ASP A 238 -6.30 13.14 21.05
C ASP A 238 -4.91 12.54 20.94
N TRP A 239 -4.75 11.47 20.15
CA TRP A 239 -3.49 10.82 19.81
C TRP A 239 -2.94 9.94 20.92
N SER A 240 -3.71 9.72 21.99
CA SER A 240 -3.40 8.61 22.89
C SER A 240 -3.76 7.30 22.22
N VAL A 241 -3.12 6.22 22.66
CA VAL A 241 -3.30 4.93 22.02
C VAL A 241 -4.69 4.38 22.32
N ALA A 242 -5.38 3.92 21.28
CA ALA A 242 -6.70 3.34 21.42
C ALA A 242 -6.63 1.83 21.31
N PRO A 243 -7.56 1.11 21.94
CA PRO A 243 -7.63 -0.34 21.72
C PRO A 243 -7.96 -0.65 20.26
N GLN A 244 -7.28 -1.64 19.72
CA GLN A 244 -7.47 -1.99 18.31
C GLN A 244 -8.84 -2.61 18.10
N ILE A 245 -9.53 -2.16 17.06
CA ILE A 245 -10.86 -2.64 16.72
C ILE A 245 -10.94 -2.87 15.21
N LYS A 246 -11.94 -3.63 14.80
CA LYS A 246 -12.23 -3.85 13.40
C LYS A 246 -13.37 -2.92 13.00
N PHE A 247 -13.13 -2.08 12.00
CA PHE A 247 -14.18 -1.17 11.55
C PHE A 247 -15.18 -1.89 10.67
N ASP A 248 -16.40 -1.36 10.63
CA ASP A 248 -17.42 -1.90 9.73
C ASP A 248 -16.93 -1.87 8.29
N ILE A 249 -16.25 -0.80 7.89
CA ILE A 249 -15.59 -0.73 6.59
C ILE A 249 -14.22 -1.40 6.71
N VAL A 250 -13.96 -2.37 5.84
CA VAL A 250 -12.69 -3.07 5.84
C VAL A 250 -12.12 -3.08 4.42
N TRP A 251 -10.82 -3.35 4.34
CA TRP A 251 -10.11 -3.45 3.06
C TRP A 251 -9.09 -4.58 3.11
N GLY A 252 -9.50 -5.72 3.68
CA GLY A 252 -8.66 -6.90 3.69
C GLY A 252 -9.45 -8.05 4.28
N TRP A 253 -8.88 -9.24 4.18
CA TRP A 253 -9.47 -10.42 4.80
C TRP A 253 -8.96 -10.55 6.23
N ALA A 254 -9.87 -10.79 7.16
CA ALA A 254 -9.50 -10.96 8.56
C ALA A 254 -8.89 -12.35 8.73
N ARG A 255 -7.58 -12.40 9.00
CA ARG A 255 -6.86 -13.65 9.18
C ARG A 255 -6.48 -13.82 10.65
N PHE A 256 -6.91 -14.91 11.24
CA PHE A 256 -6.51 -15.27 12.60
C PHE A 256 -5.57 -16.48 12.52
N ASN A 257 -4.35 -16.30 12.98
CA ASN A 257 -3.40 -17.39 13.09
C ASN A 257 -3.65 -18.13 14.40
N PRO A 258 -4.16 -19.35 14.36
CA PRO A 258 -4.50 -20.05 15.60
C PRO A 258 -3.29 -20.32 16.49
N ASP A 259 -2.12 -20.53 15.91
CA ASP A 259 -0.90 -20.75 16.68
C ASP A 259 -0.12 -19.47 16.91
N GLY A 260 -0.74 -18.31 16.68
CA GLY A 260 -0.08 -17.06 16.99
C GLY A 260 0.08 -16.85 18.48
N LEU A 261 1.12 -16.11 18.84
CA LEU A 261 1.45 -15.86 20.23
C LEU A 261 0.80 -14.57 20.72
N LYS A 262 0.42 -14.57 22.00
CA LYS A 262 -0.19 -13.41 22.66
C LYS A 262 -1.29 -12.80 21.79
N SER A 263 -2.39 -13.55 21.71
CA SER A 263 -3.49 -13.16 20.83
C SER A 263 -4.12 -11.83 21.26
N ALA A 264 -4.17 -11.57 22.55
CA ALA A 264 -4.79 -10.35 23.07
C ALA A 264 -3.81 -9.20 23.25
N ALA A 265 -2.52 -9.42 22.97
CA ALA A 265 -1.52 -8.38 23.17
C ALA A 265 -1.80 -7.19 22.25
N GLU A 266 -1.88 -6.00 22.86
CA GLU A 266 -2.16 -4.78 22.14
C GLU A 266 -0.90 -4.01 21.77
N ASP A 267 0.28 -4.61 21.96
CA ASP A 267 1.55 -3.99 21.62
C ASP A 267 2.12 -4.53 20.31
N ASN A 268 1.26 -5.02 19.43
CA ASN A 268 1.72 -5.58 18.17
C ASN A 268 2.07 -4.49 17.18
N THR A 269 3.04 -4.79 16.32
CA THR A 269 3.41 -3.91 15.22
C THR A 269 3.69 -4.79 14.00
N SER A 270 3.46 -4.24 12.81
CA SER A 270 3.62 -4.99 11.58
C SER A 270 4.93 -4.61 10.92
N TYR A 271 5.83 -5.60 10.79
CA TYR A 271 7.10 -5.34 10.12
C TYR A 271 6.89 -4.85 8.70
N GLY A 272 5.90 -5.40 8.00
CA GLY A 272 5.59 -4.94 6.67
C GLY A 272 5.15 -3.48 6.65
N HIS A 273 4.37 -3.07 7.65
CA HIS A 273 3.96 -1.68 7.75
C HIS A 273 5.15 -0.77 8.04
N ASN A 274 5.99 -1.16 9.01
CA ASN A 274 7.13 -0.33 9.39
C ASN A 274 8.11 -0.18 8.23
N SER A 275 8.34 -1.26 7.48
CA SER A 275 9.17 -1.19 6.30
C SER A 275 8.52 -0.35 5.22
N GLU A 276 7.22 -0.55 4.99
CA GLU A 276 6.49 0.24 4.00
C GLU A 276 6.56 1.72 4.32
N PHE A 277 6.38 2.08 5.59
CA PHE A 277 6.47 3.48 5.99
C PHE A 277 7.87 4.04 5.75
N ALA A 278 8.91 3.27 6.09
CA ALA A 278 10.26 3.80 6.06
C ALA A 278 10.71 4.10 4.63
N TRP A 279 10.51 3.16 3.70
CA TRP A 279 10.94 3.41 2.34
C TRP A 279 10.06 4.44 1.66
N LEU A 280 8.78 4.52 2.03
CA LEU A 280 7.92 5.56 1.50
C LEU A 280 8.33 6.92 2.04
N LEU A 281 8.71 6.99 3.32
CA LEU A 281 9.27 8.22 3.86
C LEU A 281 10.55 8.61 3.13
N MET A 282 11.41 7.63 2.86
CA MET A 282 12.62 7.91 2.10
C MET A 282 12.29 8.43 0.71
N HIS A 283 11.30 7.82 0.05
CA HIS A 283 10.87 8.32 -1.25
C HIS A 283 10.26 9.71 -1.13
N ALA A 284 9.53 9.96 -0.04
CA ALA A 284 9.00 11.30 0.20
C ALA A 284 10.13 12.31 0.35
N LEU A 285 11.20 11.93 1.06
CA LEU A 285 12.36 12.81 1.17
C LEU A 285 13.01 13.04 -0.19
N ASP A 286 13.05 12.01 -1.03
CA ASP A 286 13.55 12.17 -2.39
C ASP A 286 12.74 13.22 -3.14
N ILE A 287 11.41 13.09 -3.09
CA ILE A 287 10.55 14.06 -3.77
C ILE A 287 10.68 15.43 -3.14
N LEU A 288 10.92 15.51 -1.83
CA LEU A 288 11.06 16.78 -1.15
C LEU A 288 12.46 17.39 -1.30
N GLY A 289 13.38 16.70 -1.97
CA GLY A 289 14.74 17.20 -2.06
C GLY A 289 15.44 17.28 -0.73
N LEU A 290 15.05 16.46 0.23
CA LEU A 290 15.65 16.43 1.55
C LEU A 290 16.48 15.16 1.73
N PRO A 291 17.55 15.21 2.54
CA PRO A 291 18.36 14.02 2.76
C PRO A 291 17.64 13.00 3.62
N TYR A 292 18.07 11.75 3.51
CA TYR A 292 17.43 10.68 4.25
C TYR A 292 17.61 10.88 5.76
N ASP A 293 18.79 11.32 6.19
CA ASP A 293 19.02 11.45 7.62
C ASP A 293 18.23 12.60 8.24
N THR A 294 17.36 13.26 7.48
CA THR A 294 16.37 14.14 8.08
C THR A 294 15.54 13.39 9.12
N TYR A 295 15.34 12.10 8.93
CA TYR A 295 14.67 11.21 9.86
C TYR A 295 15.50 9.95 10.06
N ARG A 296 16.79 10.14 10.33
CA ARG A 296 17.70 9.00 10.49
C ARG A 296 17.30 8.15 11.68
N GLU A 297 16.94 8.78 12.80
CA GLU A 297 16.53 8.02 13.97
C GLU A 297 15.30 7.18 13.69
N GLN A 298 14.30 7.79 13.05
CA GLN A 298 13.06 7.07 12.74
C GLN A 298 13.30 5.97 11.72
N ILE A 299 13.97 6.30 10.61
CA ILE A 299 14.18 5.32 9.55
C ILE A 299 15.00 4.14 10.08
N THR A 300 16.01 4.43 10.91
CA THR A 300 16.84 3.35 11.45
C THR A 300 16.04 2.47 12.40
N LYS A 301 15.12 3.05 13.17
CA LYS A 301 14.29 2.25 14.06
C LYS A 301 13.39 1.31 13.28
N SER A 302 12.74 1.81 12.23
CA SER A 302 11.83 0.97 11.45
C SER A 302 12.56 -0.21 10.82
N TYR A 303 13.72 0.05 10.21
CA TYR A 303 14.42 -1.00 9.49
C TYR A 303 15.07 -2.00 10.44
N THR A 304 15.72 -1.51 11.50
CA THR A 304 16.35 -2.41 12.45
C THR A 304 15.33 -3.34 13.09
N HIS A 305 14.17 -2.81 13.45
CA HIS A 305 13.13 -3.66 14.05
C HIS A 305 12.66 -4.72 13.07
N ALA A 306 12.54 -4.35 11.78
CA ALA A 306 12.04 -5.30 10.80
C ALA A 306 13.06 -6.41 10.53
N VAL A 307 14.34 -6.04 10.38
CA VAL A 307 15.33 -7.03 10.01
C VAL A 307 15.66 -7.95 11.19
N GLU A 308 15.59 -7.44 12.42
CA GLU A 308 15.98 -8.23 13.58
C GLU A 308 14.86 -9.11 14.09
N ASN A 309 13.61 -8.81 13.76
CA ASN A 309 12.48 -9.57 14.28
C ASN A 309 11.58 -10.16 13.20
N GLY A 310 11.46 -9.53 12.04
CA GLY A 310 10.49 -9.97 11.05
C GLY A 310 11.02 -10.95 10.02
N VAL A 311 12.32 -10.91 9.75
CA VAL A 311 12.91 -11.75 8.71
C VAL A 311 13.04 -13.17 9.23
N ASP A 312 12.39 -14.11 8.54
CA ASP A 312 12.52 -15.54 8.83
C ASP A 312 13.76 -16.05 8.11
N TRP A 313 14.87 -16.17 8.84
CA TRP A 313 16.12 -16.57 8.20
C TRP A 313 16.11 -18.03 7.77
N GLU A 314 15.41 -18.88 8.52
CA GLU A 314 15.40 -20.31 8.20
C GLU A 314 14.55 -20.58 6.96
N PHE A 315 13.29 -20.17 6.97
CA PHE A 315 12.36 -20.51 5.91
C PHE A 315 12.16 -19.43 4.85
N GLY A 316 12.47 -18.18 5.17
CA GLY A 316 12.32 -17.13 4.18
C GLY A 316 11.04 -16.34 4.37
N GLY A 317 11.09 -15.06 4.00
CA GLY A 317 9.94 -14.19 4.12
C GLY A 317 9.87 -13.48 5.45
N VAL A 318 8.93 -12.55 5.54
CA VAL A 318 8.74 -11.71 6.73
C VAL A 318 7.50 -12.19 7.47
N TYR A 319 7.59 -12.23 8.81
CA TYR A 319 6.46 -12.62 9.63
C TYR A 319 5.36 -11.55 9.56
N VAL A 320 4.21 -11.89 10.10
CA VAL A 320 3.06 -10.98 10.00
C VAL A 320 3.20 -9.82 10.98
N GLU A 321 3.36 -10.12 12.27
CA GLU A 321 3.43 -9.06 13.27
C GLU A 321 4.08 -9.60 14.54
N GLY A 322 4.47 -8.67 15.41
CA GLY A 322 5.01 -8.99 16.72
C GLY A 322 5.00 -7.75 17.60
N SER A 323 5.56 -7.90 18.79
CA SER A 323 5.56 -6.80 19.75
C SER A 323 6.59 -5.75 19.35
N HIS A 324 6.35 -4.51 19.80
CA HIS A 324 7.34 -3.46 19.66
C HIS A 324 8.66 -3.85 20.31
N ALA A 325 8.59 -4.57 21.44
CA ALA A 325 9.79 -4.86 22.22
C ALA A 325 10.72 -5.82 21.48
N GLY A 326 10.18 -6.70 20.65
CA GLY A 326 11.03 -7.57 19.86
C GLY A 326 10.60 -9.02 19.80
N GLN A 327 9.41 -9.34 20.28
CA GLN A 327 8.89 -10.70 20.22
C GLN A 327 8.01 -10.88 19.00
N VAL A 328 8.18 -12.02 18.33
CA VAL A 328 7.35 -12.35 17.17
C VAL A 328 6.05 -12.99 17.68
N TYR A 329 4.92 -12.51 17.16
CA TYR A 329 3.61 -13.04 17.51
C TYR A 329 3.05 -13.97 16.44
N ASP A 330 3.09 -13.55 15.17
CA ASP A 330 2.40 -14.24 14.08
C ASP A 330 3.41 -14.52 12.98
N LYS A 331 3.78 -15.79 12.82
CA LYS A 331 4.85 -16.19 11.91
C LYS A 331 4.35 -16.60 10.53
N GLU A 332 3.08 -16.33 10.21
CA GLU A 332 2.58 -16.66 8.88
C GLU A 332 3.17 -15.72 7.83
N LYS A 333 2.88 -16.02 6.56
CA LYS A 333 3.48 -15.30 5.44
C LYS A 333 2.36 -14.78 4.55
N GLU A 334 2.12 -13.47 4.62
CA GLU A 334 1.10 -12.78 3.82
C GLU A 334 1.78 -11.96 2.74
N PHE A 335 1.06 -11.74 1.63
CA PHE A 335 1.70 -11.29 0.41
C PHE A 335 2.23 -9.86 0.52
N TRP A 336 1.42 -8.94 1.04
CA TRP A 336 1.80 -7.53 0.92
C TRP A 336 2.99 -7.17 1.80
N GLN A 337 3.19 -7.89 2.92
CA GLN A 337 4.33 -7.59 3.77
C GLN A 337 5.64 -7.98 3.11
N GLN A 338 5.64 -9.05 2.31
CA GLN A 338 6.84 -9.43 1.56
C GLN A 338 7.16 -8.38 0.51
N ALA A 339 6.15 -7.89 -0.19
CA ALA A 339 6.35 -6.85 -1.19
C ALA A 339 7.00 -5.61 -0.57
N GLU A 340 6.43 -5.12 0.53
CA GLU A 340 6.96 -3.92 1.17
C GLU A 340 8.33 -4.16 1.79
N MET A 341 8.59 -5.41 2.21
CA MET A 341 9.89 -5.71 2.78
C MET A 341 10.96 -5.76 1.70
N LEU A 342 10.59 -6.09 0.46
CA LEU A 342 11.56 -6.11 -0.63
C LEU A 342 12.12 -4.71 -0.88
N ILE A 343 11.23 -3.73 -1.00
CA ILE A 343 11.67 -2.35 -1.21
C ILE A 343 12.42 -1.84 0.02
N GLY A 344 11.81 -2.00 1.20
CA GLY A 344 12.40 -1.45 2.41
C GLY A 344 13.79 -1.98 2.68
N MET A 345 13.95 -3.31 2.65
CA MET A 345 15.26 -3.91 2.90
C MET A 345 16.31 -3.39 1.93
N LEU A 346 15.91 -3.07 0.70
CA LEU A 346 16.84 -2.48 -0.27
C LEU A 346 17.20 -1.05 0.14
N ASP A 347 16.19 -0.22 0.39
CA ASP A 347 16.45 1.14 0.82
C ASP A 347 17.20 1.17 2.15
N ALA A 348 16.90 0.22 3.04
CA ALA A 348 17.67 0.09 4.27
C ALA A 348 19.15 -0.13 3.98
N TYR A 349 19.45 -0.98 3.01
CA TYR A 349 20.83 -1.20 2.63
C TYR A 349 21.44 0.06 2.03
N ARG A 350 20.66 0.82 1.25
CA ARG A 350 21.19 2.04 0.66
C ARG A 350 21.53 3.06 1.73
N PHE A 351 20.63 3.24 2.71
CA PHE A 351 20.83 4.29 3.71
C PHE A 351 21.75 3.83 4.84
N LEU A 352 21.50 2.65 5.39
CA LEU A 352 22.24 2.17 6.55
C LEU A 352 23.48 1.37 6.18
N LYS A 353 23.57 0.89 4.95
CA LYS A 353 24.78 0.30 4.38
C LYS A 353 25.26 -0.94 5.12
N ASP A 354 24.44 -1.53 5.99
CA ASP A 354 24.81 -2.75 6.68
C ASP A 354 24.31 -3.95 5.89
N GLU A 355 25.20 -4.91 5.63
CA GLU A 355 24.93 -6.00 4.70
C GLU A 355 23.85 -6.95 5.18
N LYS A 356 23.45 -6.87 6.45
CA LYS A 356 22.35 -7.71 6.91
C LYS A 356 21.03 -7.32 6.24
N TYR A 357 20.93 -6.10 5.71
CA TYR A 357 19.73 -5.69 5.00
C TYR A 357 19.68 -6.29 3.60
N LEU A 358 20.81 -6.30 2.89
CA LEU A 358 20.85 -6.98 1.60
C LEU A 358 20.62 -8.47 1.77
N GLN A 359 21.15 -9.07 2.84
CA GLN A 359 20.80 -10.45 3.15
C GLN A 359 19.32 -10.58 3.41
N ALA A 360 18.75 -9.64 4.16
CA ALA A 360 17.31 -9.67 4.40
C ALA A 360 16.53 -9.59 3.10
N TYR A 361 16.98 -8.78 2.15
CA TYR A 361 16.28 -8.70 0.87
C TYR A 361 16.33 -10.03 0.14
N GLU A 362 17.51 -10.63 0.05
CA GLU A 362 17.63 -11.89 -0.68
C GLU A 362 16.82 -13.00 -0.01
N ASN A 363 16.72 -12.97 1.32
CA ASN A 363 15.87 -13.92 2.02
C ASN A 363 14.42 -13.79 1.55
N ILE A 364 13.93 -12.56 1.49
CA ILE A 364 12.53 -12.34 1.12
C ILE A 364 12.36 -12.47 -0.39
N HIS A 365 13.32 -12.00 -1.18
CA HIS A 365 13.29 -12.22 -2.61
C HIS A 365 13.16 -13.70 -2.93
N ARG A 366 14.03 -14.53 -2.33
CA ARG A 366 13.98 -15.96 -2.59
C ARG A 366 12.65 -16.56 -2.14
N PHE A 367 12.10 -16.06 -1.03
CA PHE A 367 10.83 -16.58 -0.55
C PHE A 367 9.71 -16.30 -1.54
N VAL A 368 9.63 -15.05 -2.04
CA VAL A 368 8.54 -14.69 -2.94
C VAL A 368 8.61 -15.48 -4.23
N PHE A 369 9.81 -15.63 -4.79
CA PHE A 369 9.93 -16.30 -6.08
C PHE A 369 9.86 -17.82 -5.96
N ASP A 370 10.38 -18.39 -4.88
CA ASP A 370 10.34 -19.84 -4.72
C ASP A 370 9.05 -20.34 -4.07
N LYS A 371 8.43 -19.54 -3.19
CA LYS A 371 7.25 -19.96 -2.46
C LYS A 371 6.00 -19.19 -2.86
N MET A 372 6.03 -17.85 -2.81
CA MET A 372 4.80 -17.07 -2.89
C MET A 372 4.25 -16.92 -4.30
N ILE A 373 5.12 -16.76 -5.30
CA ILE A 373 4.63 -16.53 -6.65
C ILE A 373 4.09 -17.83 -7.21
N ASN A 374 2.81 -17.82 -7.62
CA ASN A 374 2.19 -18.94 -8.33
C ASN A 374 2.52 -18.79 -9.80
N HIS A 375 3.64 -19.41 -10.20
CA HIS A 375 4.20 -19.16 -11.52
C HIS A 375 3.29 -19.63 -12.66
N SER A 376 2.37 -20.55 -12.40
CA SER A 376 1.46 -20.99 -13.44
C SER A 376 0.47 -19.90 -13.85
N LEU A 377 0.24 -18.90 -13.01
CA LEU A 377 -0.64 -17.78 -13.34
C LEU A 377 0.07 -16.44 -13.35
N GLY A 378 0.98 -16.19 -12.41
CA GLY A 378 1.74 -14.97 -12.36
C GLY A 378 1.46 -14.10 -11.15
N GLU A 379 0.38 -14.37 -10.43
CA GLU A 379 0.07 -13.61 -9.23
C GLU A 379 0.65 -14.29 -7.99
N TRP A 380 0.50 -13.64 -6.84
CA TRP A 380 1.07 -14.10 -5.58
C TRP A 380 -0.01 -14.78 -4.75
N TRP A 381 0.40 -15.85 -4.05
CA TRP A 381 -0.49 -16.46 -3.06
C TRP A 381 -0.74 -15.45 -1.95
N PRO A 382 -1.99 -15.29 -1.50
CA PRO A 382 -2.27 -14.22 -0.53
C PRO A 382 -1.77 -14.52 0.88
N LEU A 383 -1.72 -15.78 1.28
CA LEU A 383 -1.36 -16.10 2.65
C LEU A 383 -0.82 -17.52 2.70
N MET A 384 0.18 -17.73 3.56
CA MET A 384 0.97 -18.93 3.59
C MET A 384 1.38 -19.29 5.00
N THR A 385 1.59 -20.59 5.23
CA THR A 385 2.24 -21.00 6.46
C THR A 385 3.67 -20.47 6.50
N ARG A 386 4.30 -20.56 7.67
CA ARG A 386 5.63 -19.99 7.84
C ARG A 386 6.62 -20.57 6.84
N GLU A 387 6.52 -21.87 6.56
CA GLU A 387 7.47 -22.58 5.72
C GLU A 387 7.08 -22.55 4.24
N GLY A 388 6.30 -21.55 3.82
CA GLY A 388 5.69 -21.60 2.50
C GLY A 388 4.31 -22.22 2.62
N VAL A 389 3.86 -22.92 1.58
CA VAL A 389 2.61 -23.67 1.59
C VAL A 389 1.42 -22.73 1.73
N PRO A 390 0.63 -22.55 0.68
CA PRO A 390 -0.46 -21.56 0.74
C PRO A 390 -1.55 -21.96 1.73
N ILE A 391 -2.02 -20.98 2.49
CA ILE A 391 -3.20 -21.16 3.34
C ILE A 391 -4.46 -20.74 2.61
N TRP A 392 -4.44 -19.54 2.04
CA TRP A 392 -5.46 -19.08 1.11
C TRP A 392 -4.88 -19.08 -0.30
N LYS A 393 -5.69 -19.49 -1.27
CA LYS A 393 -5.20 -19.65 -2.64
C LYS A 393 -5.86 -18.72 -3.64
N HIS A 394 -6.84 -17.92 -3.22
CA HIS A 394 -7.43 -16.93 -4.11
C HIS A 394 -6.36 -15.95 -4.59
N MET A 395 -6.31 -15.73 -5.91
CA MET A 395 -5.24 -14.92 -6.48
C MET A 395 -5.49 -13.43 -6.34
N SER A 396 -6.76 -13.00 -6.32
CA SER A 396 -7.06 -11.58 -6.23
C SER A 396 -8.51 -11.41 -5.83
N HIS A 397 -8.82 -10.24 -5.27
CA HIS A 397 -10.19 -9.90 -4.88
C HIS A 397 -10.29 -8.38 -4.80
N SER A 398 -11.28 -7.89 -4.05
CA SER A 398 -11.52 -6.45 -3.94
C SER A 398 -10.38 -5.72 -3.23
N TRP A 399 -9.59 -6.42 -2.42
CA TRP A 399 -8.52 -5.80 -1.64
C TRP A 399 -7.13 -6.27 -2.01
N LYS A 400 -7.00 -7.36 -2.76
CA LYS A 400 -5.71 -7.82 -3.27
C LYS A 400 -5.76 -7.71 -4.78
N ILE A 401 -5.03 -6.75 -5.33
CA ILE A 401 -4.95 -6.56 -6.77
C ILE A 401 -3.50 -6.70 -7.20
N ASN A 402 -2.90 -5.62 -7.71
CA ASN A 402 -1.50 -5.63 -8.11
C ASN A 402 -0.75 -4.42 -7.58
N TYR A 403 -1.32 -3.71 -6.61
CA TYR A 403 -0.67 -2.52 -6.06
C TYR A 403 0.64 -2.87 -5.39
N HIS A 404 0.62 -3.84 -4.47
CA HIS A 404 1.82 -4.16 -3.71
C HIS A 404 2.85 -4.88 -4.57
N ASP A 405 2.43 -5.91 -5.32
CA ASP A 405 3.42 -6.76 -5.96
C ASP A 405 4.06 -6.09 -7.16
N VAL A 406 3.28 -5.38 -7.98
CA VAL A 406 3.86 -4.72 -9.15
C VAL A 406 4.82 -3.61 -8.71
N ARG A 407 4.38 -2.76 -7.80
CA ARG A 407 5.26 -1.70 -7.31
C ARG A 407 6.52 -2.27 -6.67
N SER A 408 6.39 -3.32 -5.86
CA SER A 408 7.56 -3.91 -5.23
C SER A 408 8.50 -4.53 -6.26
N MET A 409 7.95 -4.99 -7.39
CA MET A 409 8.80 -5.55 -8.45
C MET A 409 9.55 -4.44 -9.16
N ILE A 410 8.85 -3.38 -9.56
CA ILE A 410 9.50 -2.27 -10.26
C ILE A 410 10.49 -1.56 -9.33
N GLN A 411 10.06 -1.24 -8.11
CA GLN A 411 10.91 -0.51 -7.19
C GLN A 411 12.12 -1.33 -6.77
N SER A 412 12.01 -2.66 -6.79
CA SER A 412 13.16 -3.49 -6.41
C SER A 412 14.21 -3.52 -7.51
N ILE A 413 13.79 -3.65 -8.78
CA ILE A 413 14.77 -3.55 -9.86
C ILE A 413 15.45 -2.19 -9.82
N VAL A 414 14.68 -1.15 -9.47
CA VAL A 414 15.22 0.21 -9.45
C VAL A 414 16.26 0.36 -8.34
N ARG A 415 15.93 -0.09 -7.13
CA ARG A 415 16.88 0.06 -6.03
C ARG A 415 18.06 -0.89 -6.17
N LEU A 416 17.82 -2.11 -6.67
CA LEU A 416 18.92 -3.02 -6.94
C LEU A 416 19.86 -2.44 -7.98
N ASP A 417 19.31 -1.72 -8.97
CA ASP A 417 20.15 -1.04 -9.93
C ASP A 417 20.95 0.08 -9.28
N LYS A 418 20.36 0.77 -8.29
CA LYS A 418 21.09 1.79 -7.56
C LYS A 418 22.22 1.19 -6.75
N ILE A 419 21.98 0.02 -6.15
CA ILE A 419 22.99 -0.62 -5.31
C ILE A 419 24.19 -1.04 -6.15
N ALA A 420 23.96 -1.54 -7.37
CA ALA A 420 25.05 -1.97 -8.21
C ALA A 420 25.92 -0.81 -8.69
N LYS A 421 25.45 0.43 -8.56
CA LYS A 421 26.22 1.60 -8.98
C LYS A 421 26.58 2.50 -7.81
C1 SOR B . -1.98 -1.14 4.19
C2 SOR B . -1.95 -2.62 3.84
C3 SOR B . -3.30 -3.06 3.27
C4 SOR B . -3.18 -4.28 2.36
C5 SOR B . -4.48 -5.06 2.28
C6 SOR B . -4.44 -6.12 1.20
O1 SOR B . -0.69 -0.61 3.98
O2 SOR B . -0.93 -2.81 2.88
O3 SOR B . -3.89 -1.99 2.56
O4 SOR B . -2.82 -3.85 1.05
O5 SOR B . -4.73 -5.67 3.52
O6 SOR B . -5.43 -7.10 1.43
C FMT C . -0.64 -1.90 3.71
O1 FMT C . -0.09 -0.92 3.23
O2 FMT C . -1.67 -1.85 4.38
C FMT D . -3.17 -4.32 1.68
O1 FMT D . -2.74 -3.28 1.18
O2 FMT D . -3.32 -4.49 2.89
C FMT E . -2.90 -5.08 -3.46
O1 FMT E . -3.61 -4.58 -4.32
O2 FMT E . -1.68 -5.14 -3.55
#